data_1IIT
#
_entry.id   1IIT
#
_cell.length_a   97.865
_cell.length_b   49.769
_cell.length_c   55.633
_cell.angle_alpha   90.00
_cell.angle_beta   117.23
_cell.angle_gamma   90.00
#
_symmetry.space_group_name_H-M   'C 1 2 1'
#
loop_
_entity.id
_entity.type
_entity.pdbx_description
1 polymer 'Slr1257 protein'
2 non-polymer SERINE
3 water water
#
_entity_poly.entity_id   1
_entity_poly.type   'polypeptide(L)'
_entity_poly.pdbx_seq_one_letter_code
;GSAMALKVGVVGNPPFVFYGEGKNAAFTGISLDVWRAVAESQKWNSEYVRQNSISAGITAVAEGELDILIGPISVTPERA
AIEGITFTQPYFSSGIGLLIPGTATPLFRSVGDLKNKEVAVVRDTTAVDWANFYQADVRETNNLTAAITLLQKKQVEAVM
FDRPALIYYTRQNPNLNLEVTEIRVSLEPYGFVLKENSPLQKTINVEMLNLLYSRVIAEFTERWLGPGIEEN
;
_entity_poly.pdbx_strand_id   A
#
# COMPACT_ATOMS: atom_id res chain seq x y z
N GLY A 1 -1.24 2.24 -30.39
CA GLY A 1 -2.02 1.13 -30.98
C GLY A 1 -3.49 1.26 -30.64
N SER A 2 -4.33 0.58 -31.40
CA SER A 2 -5.77 0.63 -31.16
C SER A 2 -6.31 -0.61 -30.46
N ALA A 3 -5.41 -1.39 -29.86
CA ALA A 3 -5.80 -2.61 -29.16
C ALA A 3 -6.62 -2.34 -27.89
N MET A 4 -7.51 -3.26 -27.56
CA MET A 4 -8.36 -3.15 -26.39
C MET A 4 -7.54 -2.81 -25.14
N ALA A 5 -8.02 -1.85 -24.35
CA ALA A 5 -7.31 -1.43 -23.15
C ALA A 5 -7.48 -2.41 -21.98
N LEU A 6 -6.44 -2.54 -21.17
CA LEU A 6 -6.50 -3.39 -19.99
C LEU A 6 -7.21 -2.56 -18.90
N LYS A 7 -8.09 -3.21 -18.13
CA LYS A 7 -8.81 -2.53 -17.07
C LYS A 7 -7.96 -2.61 -15.81
N VAL A 8 -7.37 -1.47 -15.45
CA VAL A 8 -6.47 -1.35 -14.31
C VAL A 8 -7.10 -0.73 -13.05
N GLY A 9 -7.35 -1.57 -12.04
CA GLY A 9 -7.89 -1.07 -10.79
C GLY A 9 -6.77 -0.40 -10.01
N VAL A 10 -7.06 0.72 -9.37
CA VAL A 10 -6.05 1.44 -8.59
C VAL A 10 -6.51 1.67 -7.15
N VAL A 11 -5.63 1.32 -6.22
CA VAL A 11 -5.93 1.48 -4.80
C VAL A 11 -4.62 1.75 -4.05
N GLY A 12 -4.67 2.53 -2.98
CA GLY A 12 -3.47 2.83 -2.24
C GLY A 12 -3.36 4.29 -1.85
N ASN A 13 -2.28 4.63 -1.15
CA ASN A 13 -2.05 5.99 -0.70
C ASN A 13 -0.66 6.47 -1.09
N PRO A 14 -0.42 7.79 -0.96
CA PRO A 14 0.88 8.39 -1.29
C PRO A 14 1.95 7.75 -0.39
N PRO A 15 3.20 7.64 -0.87
CA PRO A 15 3.67 8.07 -2.20
C PRO A 15 3.43 7.07 -3.34
N PHE A 16 2.78 5.94 -3.04
CA PHE A 16 2.56 4.92 -4.07
C PHE A 16 1.42 5.23 -5.03
N VAL A 17 0.37 5.87 -4.54
CA VAL A 17 -0.77 6.25 -5.37
C VAL A 17 -1.34 7.59 -4.93
N PHE A 18 -1.56 8.47 -5.92
CA PHE A 18 -2.14 9.79 -5.71
C PHE A 18 -3.35 9.87 -6.65
N TYR A 19 -4.39 10.57 -6.23
CA TYR A 19 -5.62 10.71 -7.01
C TYR A 19 -5.87 12.14 -7.48
N GLY A 20 -5.71 12.37 -8.78
CA GLY A 20 -5.96 13.69 -9.34
C GLY A 20 -7.45 13.93 -9.50
N ALA A 26 -4.91 12.35 -12.96
CA ALA A 26 -5.89 11.31 -12.54
C ALA A 26 -5.27 10.32 -11.57
N PHE A 27 -4.17 9.68 -11.98
CA PHE A 27 -3.47 8.71 -11.15
C PHE A 27 -1.97 8.85 -11.32
N THR A 28 -1.26 8.99 -10.20
CA THR A 28 0.20 9.13 -10.19
C THR A 28 0.77 8.40 -8.98
N GLY A 29 2.10 8.39 -8.85
CA GLY A 29 2.74 7.73 -7.72
C GLY A 29 3.62 6.56 -8.14
N ILE A 30 4.41 6.04 -7.19
CA ILE A 30 5.33 4.93 -7.43
C ILE A 30 4.68 3.74 -8.13
N SER A 31 3.54 3.29 -7.64
CA SER A 31 2.85 2.16 -8.24
C SER A 31 2.46 2.42 -9.69
N LEU A 32 2.03 3.64 -9.99
CA LEU A 32 1.65 4.04 -11.34
C LEU A 32 2.87 4.16 -12.26
N ASP A 33 4.01 4.54 -11.70
CA ASP A 33 5.24 4.63 -12.49
C ASP A 33 5.66 3.22 -12.90
N VAL A 34 5.52 2.26 -11.97
CA VAL A 34 5.89 0.87 -12.24
C VAL A 34 4.95 0.30 -13.31
N TRP A 35 3.65 0.44 -13.11
CA TRP A 35 2.70 -0.07 -14.09
C TRP A 35 2.89 0.57 -15.47
N ARG A 36 3.03 1.89 -15.52
CA ARG A 36 3.19 2.57 -16.79
C ARG A 36 4.43 2.12 -17.53
N ALA A 37 5.53 1.90 -16.82
CA ALA A 37 6.75 1.43 -17.48
C ALA A 37 6.50 0.05 -18.10
N VAL A 38 5.75 -0.80 -17.40
CA VAL A 38 5.40 -2.12 -17.89
C VAL A 38 4.50 -2.01 -19.12
N ALA A 39 3.43 -1.24 -19.02
CA ALA A 39 2.50 -1.06 -20.12
C ALA A 39 3.18 -0.47 -21.35
N GLU A 40 4.02 0.55 -21.14
CA GLU A 40 4.76 1.22 -22.21
C GLU A 40 5.69 0.27 -22.93
N SER A 41 6.38 -0.59 -22.17
CA SER A 41 7.31 -1.53 -22.79
C SER A 41 6.61 -2.51 -23.73
N GLN A 42 5.32 -2.74 -23.50
CA GLN A 42 4.53 -3.65 -24.32
C GLN A 42 3.57 -2.90 -25.25
N LYS A 43 3.62 -1.57 -25.20
CA LYS A 43 2.75 -0.72 -26.03
C LYS A 43 1.26 -1.02 -25.74
N TRP A 44 0.96 -1.27 -24.47
CA TRP A 44 -0.40 -1.56 -24.02
C TRP A 44 -1.18 -0.29 -23.69
N ASN A 45 -2.51 -0.38 -23.84
CA ASN A 45 -3.43 0.72 -23.54
C ASN A 45 -4.05 0.40 -22.19
N SER A 46 -4.27 1.41 -21.37
CA SER A 46 -4.82 1.21 -20.03
C SER A 46 -6.06 2.06 -19.78
N GLU A 47 -6.91 1.54 -18.89
CA GLU A 47 -8.14 2.22 -18.47
C GLU A 47 -8.13 2.08 -16.95
N TYR A 48 -7.83 3.17 -16.25
CA TYR A 48 -7.74 3.13 -14.79
C TYR A 48 -9.07 3.35 -14.07
N VAL A 49 -9.34 2.51 -13.08
CA VAL A 49 -10.56 2.58 -12.30
C VAL A 49 -10.19 2.53 -10.82
N ARG A 50 -10.41 3.63 -10.12
CA ARG A 50 -10.12 3.69 -8.68
C ARG A 50 -11.00 2.69 -7.93
N GLN A 51 -10.39 1.92 -7.03
CA GLN A 51 -11.10 0.92 -6.26
C GLN A 51 -11.33 1.42 -4.85
N ASN A 52 -12.46 1.02 -4.27
CA ASN A 52 -12.82 1.43 -2.92
C ASN A 52 -11.87 0.85 -1.87
N SER A 53 -11.45 -0.40 -2.07
CA SER A 53 -10.55 -1.06 -1.14
C SER A 53 -9.79 -2.16 -1.86
N ILE A 54 -8.78 -2.70 -1.17
CA ILE A 54 -7.98 -3.78 -1.74
C ILE A 54 -8.81 -5.04 -1.99
N SER A 55 -9.64 -5.44 -1.02
CA SER A 55 -10.45 -6.63 -1.20
C SER A 55 -11.52 -6.45 -2.27
N ALA A 56 -12.02 -5.22 -2.43
CA ALA A 56 -13.02 -4.93 -3.45
C ALA A 56 -12.35 -5.09 -4.81
N GLY A 57 -11.12 -4.59 -4.90
CA GLY A 57 -10.36 -4.69 -6.13
C GLY A 57 -9.95 -6.11 -6.46
N ILE A 58 -9.63 -6.90 -5.45
CA ILE A 58 -9.24 -8.30 -5.67
C ILE A 58 -10.42 -9.10 -6.21
N THR A 59 -11.61 -8.84 -5.68
CA THR A 59 -12.83 -9.51 -6.13
C THR A 59 -13.14 -9.12 -7.58
N ALA A 60 -12.87 -7.86 -7.92
CA ALA A 60 -13.11 -7.38 -9.29
C ALA A 60 -12.14 -8.06 -10.28
N VAL A 61 -10.98 -8.48 -9.81
CA VAL A 61 -10.01 -9.16 -10.68
C VAL A 61 -10.45 -10.62 -10.84
N ALA A 62 -10.87 -11.23 -9.73
CA ALA A 62 -11.32 -12.62 -9.73
C ALA A 62 -12.56 -12.79 -10.60
N GLU A 63 -13.43 -11.78 -10.59
CA GLU A 63 -14.67 -11.79 -11.36
C GLU A 63 -14.48 -11.30 -12.79
N GLY A 64 -13.23 -11.04 -13.18
CA GLY A 64 -12.95 -10.58 -14.53
C GLY A 64 -13.36 -9.15 -14.83
N GLU A 65 -13.75 -8.40 -13.82
CA GLU A 65 -14.16 -7.00 -13.99
C GLU A 65 -12.92 -6.11 -14.23
N LEU A 66 -11.77 -6.58 -13.77
CA LEU A 66 -10.49 -5.88 -13.94
C LEU A 66 -9.47 -6.88 -14.44
N ASP A 67 -8.48 -6.40 -15.20
CA ASP A 67 -7.43 -7.28 -15.69
C ASP A 67 -6.28 -7.31 -14.69
N ILE A 68 -6.13 -6.24 -13.91
CA ILE A 68 -5.07 -6.16 -12.91
C ILE A 68 -5.38 -5.10 -11.86
N LEU A 69 -4.92 -5.35 -10.64
CA LEU A 69 -5.11 -4.41 -9.55
C LEU A 69 -3.71 -3.93 -9.16
N ILE A 70 -3.46 -2.62 -9.25
CA ILE A 70 -2.15 -2.08 -8.90
C ILE A 70 -2.20 -1.19 -7.67
N GLY A 71 -1.06 -1.06 -7.00
CA GLY A 71 -0.96 -0.23 -5.82
C GLY A 71 -0.04 -0.88 -4.80
N PRO A 72 0.13 -0.28 -3.60
CA PRO A 72 1.00 -0.83 -2.55
C PRO A 72 0.22 -1.94 -1.84
N ILE A 73 -0.02 -3.03 -2.57
CA ILE A 73 -0.77 -4.18 -2.07
C ILE A 73 0.14 -5.24 -1.44
N SER A 74 0.03 -5.39 -0.13
CA SER A 74 0.83 -6.37 0.59
C SER A 74 0.44 -7.79 0.18
N VAL A 75 1.46 -8.61 -0.08
CA VAL A 75 1.24 -10.01 -0.45
C VAL A 75 1.17 -10.77 0.87
N THR A 76 -0.04 -11.17 1.23
CA THR A 76 -0.29 -11.90 2.47
C THR A 76 -0.91 -13.27 2.17
N PRO A 77 -0.77 -14.24 3.09
CA PRO A 77 -1.31 -15.60 2.92
C PRO A 77 -2.82 -15.57 2.66
N GLU A 78 -3.54 -14.75 3.42
CA GLU A 78 -4.99 -14.64 3.27
C GLU A 78 -5.39 -14.16 1.88
N ARG A 79 -4.64 -13.20 1.34
CA ARG A 79 -4.97 -12.69 0.02
C ARG A 79 -4.57 -13.64 -1.09
N ALA A 80 -3.42 -14.30 -0.90
CA ALA A 80 -2.94 -15.26 -1.90
C ALA A 80 -3.89 -16.45 -1.96
N ALA A 81 -4.65 -16.66 -0.88
CA ALA A 81 -5.59 -17.77 -0.79
C ALA A 81 -6.90 -17.54 -1.54
N ILE A 82 -7.19 -16.27 -1.87
CA ILE A 82 -8.43 -15.94 -2.57
C ILE A 82 -8.50 -16.63 -3.91
N GLU A 83 -9.60 -17.35 -4.15
CA GLU A 83 -9.81 -18.08 -5.40
C GLU A 83 -9.88 -17.17 -6.63
N GLY A 84 -9.24 -17.61 -7.71
CA GLY A 84 -9.28 -16.84 -8.95
C GLY A 84 -8.23 -15.78 -9.17
N ILE A 85 -7.38 -15.53 -8.18
CA ILE A 85 -6.33 -14.53 -8.34
C ILE A 85 -4.93 -15.06 -8.07
N THR A 86 -3.93 -14.31 -8.52
CA THR A 86 -2.52 -14.63 -8.34
C THR A 86 -1.75 -13.31 -8.24
N PHE A 87 -0.74 -13.28 -7.38
CA PHE A 87 0.07 -12.07 -7.23
C PHE A 87 1.26 -12.09 -8.19
N THR A 88 1.71 -10.92 -8.62
CA THR A 88 2.90 -10.84 -9.45
C THR A 88 4.05 -10.96 -8.46
N GLN A 89 5.27 -10.98 -8.98
CA GLN A 89 6.44 -11.00 -8.11
C GLN A 89 6.41 -9.64 -7.40
N PRO A 90 6.89 -9.59 -6.15
CA PRO A 90 6.89 -8.33 -5.38
C PRO A 90 7.83 -7.31 -6.03
N TYR A 91 7.45 -6.04 -5.95
CA TYR A 91 8.25 -4.97 -6.53
C TYR A 91 8.80 -3.99 -5.47
N PHE A 92 8.38 -4.15 -4.23
CA PHE A 92 8.81 -3.27 -3.14
C PHE A 92 8.70 -3.98 -1.81
N SER A 93 9.64 -3.70 -0.92
CA SER A 93 9.63 -4.30 0.40
C SER A 93 9.32 -3.16 1.36
N SER A 94 8.13 -3.19 1.95
CA SER A 94 7.70 -2.14 2.84
C SER A 94 7.59 -2.59 4.28
N GLY A 95 7.60 -1.64 5.20
CA GLY A 95 7.48 -1.97 6.60
C GLY A 95 6.19 -1.36 7.09
N ILE A 96 5.57 -1.96 8.11
CA ILE A 96 4.36 -1.40 8.69
C ILE A 96 4.84 -0.68 9.94
N GLY A 97 4.50 0.60 10.07
CA GLY A 97 4.97 1.35 11.22
C GLY A 97 3.90 2.02 12.06
N LEU A 98 4.34 2.98 12.86
CA LEU A 98 3.47 3.73 13.75
C LEU A 98 3.77 5.22 13.76
N LEU A 99 2.71 6.02 13.73
CA LEU A 99 2.82 7.48 13.76
C LEU A 99 2.31 7.90 15.13
N ILE A 100 3.14 8.57 15.92
CA ILE A 100 2.77 9.00 17.26
C ILE A 100 3.15 10.46 17.52
N PRO A 101 2.57 11.08 18.58
CA PRO A 101 2.91 12.47 18.88
C PRO A 101 4.38 12.49 19.31
N GLY A 102 5.08 13.58 19.03
CA GLY A 102 6.48 13.67 19.40
C GLY A 102 6.80 13.36 20.84
N THR A 103 5.86 13.69 21.73
CA THR A 103 6.03 13.47 23.17
C THR A 103 5.88 12.01 23.61
N ALA A 104 5.19 11.21 22.80
CA ALA A 104 4.96 9.81 23.12
C ALA A 104 6.11 8.87 22.76
N THR A 105 7.20 9.42 22.22
CA THR A 105 8.38 8.64 21.82
C THR A 105 8.87 7.60 22.83
N PRO A 106 8.97 7.97 24.12
CA PRO A 106 9.44 7.00 25.12
C PRO A 106 8.49 5.82 25.30
N LEU A 107 7.20 6.07 25.08
CA LEU A 107 6.17 5.03 25.24
C LEU A 107 6.19 3.90 24.22
N PHE A 108 6.60 4.20 22.97
CA PHE A 108 6.64 3.19 21.92
C PHE A 108 8.05 2.76 21.50
N ARG A 109 8.60 1.77 22.21
CA ARG A 109 9.95 1.27 21.94
C ARG A 109 9.95 -0.13 21.31
N SER A 110 8.79 -0.79 21.31
CA SER A 110 8.67 -2.14 20.73
C SER A 110 7.21 -2.51 20.50
N VAL A 111 6.99 -3.60 19.78
CA VAL A 111 5.64 -4.07 19.49
C VAL A 111 4.89 -4.45 20.77
N GLY A 112 5.63 -4.85 21.79
CA GLY A 112 5.04 -5.21 23.07
C GLY A 112 4.35 -4.03 23.75
N ASP A 113 4.79 -2.82 23.42
CA ASP A 113 4.21 -1.60 23.99
C ASP A 113 2.86 -1.27 23.35
N LEU A 114 2.52 -1.98 22.27
CA LEU A 114 1.27 -1.76 21.56
C LEU A 114 0.03 -2.21 22.32
N LYS A 115 0.16 -3.26 23.13
CA LYS A 115 -0.97 -3.79 23.90
C LYS A 115 -1.75 -2.75 24.70
N ASN A 116 -3.07 -2.72 24.47
CA ASN A 116 -4.00 -1.83 25.15
C ASN A 116 -3.96 -0.37 24.74
N LYS A 117 -2.96 0.00 23.95
CA LYS A 117 -2.85 1.38 23.48
C LYS A 117 -3.88 1.61 22.38
N GLU A 118 -4.59 2.74 22.45
CA GLU A 118 -5.61 3.08 21.45
C GLU A 118 -4.93 3.29 20.10
N VAL A 119 -4.87 2.24 19.28
CA VAL A 119 -4.25 2.37 17.96
C VAL A 119 -5.28 2.50 16.86
N ALA A 120 -5.12 3.55 16.04
CA ALA A 120 -5.99 3.81 14.91
C ALA A 120 -5.45 3.11 13.66
N VAL A 121 -6.33 2.49 12.89
CA VAL A 121 -5.95 1.78 11.67
C VAL A 121 -6.97 2.07 10.58
N VAL A 122 -6.55 1.94 9.33
CA VAL A 122 -7.44 2.16 8.21
C VAL A 122 -8.07 0.81 7.86
N ARG A 123 -9.38 0.82 7.62
CA ARG A 123 -10.12 -0.40 7.28
C ARG A 123 -9.52 -1.08 6.05
N ASP A 124 -9.59 -2.41 6.04
CA ASP A 124 -9.10 -3.24 4.95
C ASP A 124 -7.61 -3.14 4.58
N THR A 125 -6.78 -2.89 5.58
CA THR A 125 -5.33 -2.84 5.37
C THR A 125 -4.76 -3.88 6.31
N THR A 126 -3.52 -4.31 6.05
CA THR A 126 -2.89 -5.33 6.89
C THR A 126 -2.69 -4.87 8.33
N ALA A 127 -2.65 -3.56 8.53
CA ALA A 127 -2.48 -2.97 9.87
C ALA A 127 -3.61 -3.38 10.83
N VAL A 128 -4.81 -3.61 10.30
CA VAL A 128 -5.93 -4.01 11.14
C VAL A 128 -5.59 -5.32 11.83
N ASP A 129 -5.09 -6.28 11.04
CA ASP A 129 -4.72 -7.60 11.55
C ASP A 129 -3.50 -7.55 12.48
N TRP A 130 -2.51 -6.73 12.14
CA TRP A 130 -1.33 -6.61 12.98
C TRP A 130 -1.66 -5.95 14.31
N ALA A 131 -2.57 -4.98 14.28
CA ALA A 131 -2.99 -4.25 15.48
C ALA A 131 -3.75 -5.18 16.40
N ASN A 132 -4.58 -6.04 15.83
CA ASN A 132 -5.35 -7.00 16.61
C ASN A 132 -4.42 -8.07 17.18
N PHE A 133 -3.44 -8.50 16.37
CA PHE A 133 -2.47 -9.52 16.77
C PHE A 133 -1.61 -9.06 17.94
N TYR A 134 -1.31 -7.75 17.99
CA TYR A 134 -0.50 -7.21 19.07
C TYR A 134 -1.33 -6.71 20.26
N GLN A 135 -2.61 -7.05 20.21
CA GLN A 135 -3.57 -6.71 21.27
C GLN A 135 -3.79 -5.25 21.58
N ALA A 136 -3.61 -4.40 20.58
CA ALA A 136 -3.84 -2.98 20.77
C ALA A 136 -5.35 -2.77 20.89
N ASP A 137 -5.73 -1.54 21.23
CA ASP A 137 -7.12 -1.16 21.34
C ASP A 137 -7.46 -0.61 19.96
N VAL A 138 -7.75 -1.51 19.04
CA VAL A 138 -8.02 -1.14 17.64
C VAL A 138 -9.24 -0.28 17.37
N ARG A 139 -9.02 0.79 16.61
CA ARG A 139 -10.08 1.73 16.21
C ARG A 139 -10.00 1.94 14.69
N GLU A 140 -10.89 1.27 13.97
CA GLU A 140 -10.91 1.36 12.51
C GLU A 140 -11.49 2.66 11.97
N THR A 141 -10.86 3.17 10.91
CA THR A 141 -11.27 4.41 10.25
C THR A 141 -11.38 4.19 8.74
N ASN A 142 -12.07 5.09 8.05
CA ASN A 142 -12.26 4.96 6.61
C ASN A 142 -11.04 5.25 5.73
N ASN A 143 -10.13 6.08 6.23
CA ASN A 143 -8.93 6.44 5.49
C ASN A 143 -7.83 6.92 6.42
N LEU A 144 -6.63 7.09 5.86
CA LEU A 144 -5.48 7.52 6.63
C LEU A 144 -5.68 8.93 7.22
N THR A 145 -6.31 9.82 6.44
CA THR A 145 -6.57 11.19 6.91
C THR A 145 -7.47 11.16 8.15
N ALA A 146 -8.44 10.26 8.14
CA ALA A 146 -9.38 10.09 9.25
C ALA A 146 -8.66 9.51 10.47
N ALA A 147 -7.74 8.58 10.25
CA ALA A 147 -6.97 7.96 11.33
C ALA A 147 -6.01 8.99 11.95
N ILE A 148 -5.45 9.86 11.12
CA ILE A 148 -4.53 10.88 11.59
C ILE A 148 -5.28 12.03 12.22
N THR A 149 -6.49 12.31 11.73
CA THR A 149 -7.30 13.38 12.30
C THR A 149 -7.71 13.01 13.73
N LEU A 150 -7.77 11.71 14.01
CA LEU A 150 -8.11 11.20 15.33
C LEU A 150 -6.91 11.31 16.26
N LEU A 151 -5.71 11.26 15.66
CA LEU A 151 -4.47 11.38 16.43
C LEU A 151 -4.25 12.87 16.68
N GLN A 152 -4.57 13.69 15.68
CA GLN A 152 -4.42 15.14 15.74
C GLN A 152 -5.28 15.65 16.90
N LYS A 153 -6.44 15.04 17.07
CA LYS A 153 -7.32 15.38 18.19
C LYS A 153 -6.61 14.67 19.35
N LYS A 154 -7.28 13.76 20.03
CA LYS A 154 -6.63 13.05 21.12
C LYS A 154 -7.54 11.92 21.55
N GLN A 155 -7.56 10.87 20.76
CA GLN A 155 -8.41 9.71 21.03
C GLN A 155 -7.56 8.46 20.93
N VAL A 156 -6.61 8.50 20.00
CA VAL A 156 -5.69 7.39 19.80
C VAL A 156 -4.29 7.82 20.20
N GLU A 157 -3.49 6.87 20.64
CA GLU A 157 -2.12 7.14 21.04
C GLU A 157 -1.14 6.86 19.89
N ALA A 158 -1.68 6.38 18.77
CA ALA A 158 -0.87 6.04 17.59
C ALA A 158 -1.73 5.68 16.38
N VAL A 159 -1.10 5.67 15.22
CA VAL A 159 -1.76 5.29 13.96
C VAL A 159 -0.84 4.24 13.36
N MET A 160 -1.39 3.06 13.06
CA MET A 160 -0.60 1.99 12.45
C MET A 160 -0.92 1.94 10.97
N PHE A 161 0.12 2.06 10.15
CA PHE A 161 -0.05 2.07 8.69
C PHE A 161 1.32 1.86 8.06
N ASP A 162 1.34 1.62 6.75
CA ASP A 162 2.58 1.43 5.99
C ASP A 162 3.53 2.59 6.26
N ARG A 163 4.77 2.25 6.62
CA ARG A 163 5.78 3.24 6.95
C ARG A 163 6.09 4.31 5.91
N PRO A 164 6.18 3.95 4.60
CA PRO A 164 6.46 4.99 3.61
C PRO A 164 5.36 6.05 3.51
N ALA A 165 4.10 5.63 3.64
CA ALA A 165 2.98 6.55 3.58
C ALA A 165 2.97 7.49 4.78
N LEU A 166 3.35 6.97 5.93
CA LEU A 166 3.38 7.77 7.16
C LEU A 166 4.49 8.81 7.07
N ILE A 167 5.67 8.38 6.61
CA ILE A 167 6.80 9.28 6.45
C ILE A 167 6.44 10.38 5.46
N TYR A 168 5.82 10.00 4.35
CA TYR A 168 5.43 10.97 3.34
C TYR A 168 4.51 12.02 3.97
N TYR A 169 3.57 11.55 4.79
CA TYR A 169 2.62 12.44 5.46
C TYR A 169 3.31 13.45 6.37
N THR A 170 4.23 12.97 7.21
CA THR A 170 4.95 13.86 8.12
C THR A 170 5.73 14.92 7.34
N ARG A 171 6.18 14.57 6.14
CA ARG A 171 6.94 15.50 5.32
C ARG A 171 6.11 16.59 4.68
N GLN A 172 4.80 16.39 4.63
CA GLN A 172 3.88 17.39 4.07
C GLN A 172 3.32 18.25 5.18
N ASN A 173 3.50 17.80 6.42
CA ASN A 173 2.98 18.52 7.58
C ASN A 173 4.00 18.55 8.73
N PRO A 174 5.18 19.15 8.49
CA PRO A 174 6.23 19.24 9.54
C PRO A 174 5.71 20.04 10.75
N ASN A 175 4.80 20.97 10.47
CA ASN A 175 4.19 21.82 11.49
C ASN A 175 3.45 21.05 12.59
N LEU A 176 3.01 19.83 12.27
CA LEU A 176 2.27 18.99 13.20
C LEU A 176 3.08 18.32 14.30
N ASN A 177 4.38 18.13 14.09
CA ASN A 177 5.23 17.50 15.10
C ASN A 177 4.83 16.04 15.43
N LEU A 178 4.47 15.30 14.39
CA LEU A 178 4.11 13.89 14.56
C LEU A 178 5.39 13.14 14.20
N GLU A 179 5.58 11.95 14.75
CA GLU A 179 6.78 11.19 14.46
C GLU A 179 6.51 9.73 14.13
N VAL A 180 7.28 9.21 13.18
CA VAL A 180 7.16 7.81 12.78
C VAL A 180 8.23 7.07 13.59
N THR A 181 7.78 6.24 14.52
CA THR A 181 8.69 5.49 15.39
C THR A 181 9.67 4.58 14.64
N GLU A 182 10.64 4.05 15.36
CA GLU A 182 11.63 3.14 14.79
C GLU A 182 11.05 1.73 14.74
N ILE A 183 9.91 1.54 15.39
CA ILE A 183 9.22 0.24 15.45
C ILE A 183 8.71 -0.24 14.08
N ARG A 184 9.05 -1.48 13.74
CA ARG A 184 8.60 -2.09 12.50
C ARG A 184 7.70 -3.25 12.93
N VAL A 185 6.39 -3.06 12.82
CA VAL A 185 5.44 -4.08 13.20
C VAL A 185 5.59 -5.32 12.29
N SER A 186 6.05 -5.10 11.06
CA SER A 186 6.29 -6.17 10.10
C SER A 186 6.95 -5.63 8.84
N LEU A 187 7.36 -6.55 7.98
CA LEU A 187 7.98 -6.23 6.70
C LEU A 187 7.14 -7.00 5.69
N GLU A 188 6.54 -6.28 4.77
CA GLU A 188 5.66 -6.88 3.78
C GLU A 188 5.99 -6.49 2.36
N PRO A 189 6.00 -7.48 1.45
CA PRO A 189 6.30 -7.15 0.06
C PRO A 189 5.03 -6.64 -0.65
N TYR A 190 5.21 -5.75 -1.63
CA TYR A 190 4.08 -5.21 -2.40
C TYR A 190 4.10 -5.90 -3.77
N GLY A 191 2.92 -6.24 -4.27
CA GLY A 191 2.80 -6.85 -5.58
C GLY A 191 1.50 -6.39 -6.23
N PHE A 192 1.29 -6.75 -7.49
CA PHE A 192 0.07 -6.40 -8.20
C PHE A 192 -0.78 -7.69 -8.24
N VAL A 193 -2.07 -7.57 -8.49
CA VAL A 193 -2.95 -8.73 -8.55
C VAL A 193 -3.52 -8.97 -9.95
N LEU A 194 -3.34 -10.20 -10.44
CA LEU A 194 -3.81 -10.62 -11.75
C LEU A 194 -4.80 -11.76 -11.57
N LYS A 195 -5.50 -12.12 -12.65
CA LYS A 195 -6.43 -13.26 -12.58
C LYS A 195 -5.53 -14.49 -12.63
N GLU A 196 -5.88 -15.53 -11.89
CA GLU A 196 -5.09 -16.76 -11.87
C GLU A 196 -4.93 -17.29 -13.29
N ASN A 197 -3.72 -17.74 -13.62
CA ASN A 197 -3.42 -18.29 -14.93
C ASN A 197 -3.64 -17.27 -16.06
N SER A 198 -3.41 -16.01 -15.73
CA SER A 198 -3.57 -14.92 -16.70
C SER A 198 -2.47 -15.00 -17.76
N PRO A 199 -2.83 -14.79 -19.04
CA PRO A 199 -1.85 -14.83 -20.14
C PRO A 199 -0.87 -13.65 -20.13
N LEU A 200 -1.13 -12.69 -19.22
CA LEU A 200 -0.29 -11.50 -19.08
C LEU A 200 0.78 -11.69 -18.00
N GLN A 201 0.53 -12.63 -17.10
CA GLN A 201 1.42 -12.92 -15.97
C GLN A 201 2.92 -12.95 -16.27
N LYS A 202 3.33 -13.81 -17.19
CA LYS A 202 4.74 -13.94 -17.51
C LYS A 202 5.36 -12.64 -18.01
N THR A 203 4.67 -11.94 -18.88
CA THR A 203 5.17 -10.68 -19.41
C THR A 203 5.31 -9.62 -18.31
N ILE A 204 4.31 -9.54 -17.44
CA ILE A 204 4.34 -8.56 -16.36
C ILE A 204 5.47 -8.86 -15.36
N ASN A 205 5.61 -10.13 -14.99
CA ASN A 205 6.67 -10.53 -14.05
C ASN A 205 8.05 -10.21 -14.58
N VAL A 206 8.33 -10.57 -15.83
CA VAL A 206 9.62 -10.29 -16.46
C VAL A 206 9.92 -8.80 -16.45
N GLU A 207 8.93 -8.00 -16.86
CA GLU A 207 9.08 -6.55 -16.91
C GLU A 207 9.29 -5.90 -15.56
N MET A 208 8.52 -6.34 -14.57
CA MET A 208 8.66 -5.81 -13.22
C MET A 208 10.02 -6.20 -12.64
N LEU A 209 10.48 -7.41 -12.96
CA LEU A 209 11.78 -7.88 -12.49
C LEU A 209 12.90 -7.08 -13.17
N ASN A 210 12.70 -6.73 -14.44
CA ASN A 210 13.68 -5.93 -15.19
C ASN A 210 13.79 -4.56 -14.54
N LEU A 211 12.64 -3.96 -14.21
CA LEU A 211 12.60 -2.65 -13.57
C LEU A 211 13.28 -2.69 -12.21
N LEU A 212 13.04 -3.77 -11.48
CA LEU A 212 13.61 -3.98 -10.15
C LEU A 212 15.14 -4.07 -10.22
N TYR A 213 15.64 -5.03 -11.00
CA TYR A 213 17.08 -5.25 -11.14
C TYR A 213 17.87 -4.10 -11.78
N SER A 214 17.21 -3.31 -12.62
CA SER A 214 17.88 -2.18 -13.26
C SER A 214 17.89 -0.96 -12.34
N ARG A 215 17.31 -1.12 -11.15
CA ARG A 215 17.23 -0.05 -10.15
C ARG A 215 16.28 1.08 -10.56
N VAL A 216 15.43 0.81 -11.56
CA VAL A 216 14.48 1.81 -12.03
C VAL A 216 13.39 2.06 -11.00
N ILE A 217 12.95 1.00 -10.32
CA ILE A 217 11.92 1.15 -9.29
C ILE A 217 12.49 1.96 -8.13
N ALA A 218 13.78 1.78 -7.84
CA ALA A 218 14.45 2.52 -6.77
C ALA A 218 14.47 4.01 -7.11
N GLU A 219 14.61 4.32 -8.40
CA GLU A 219 14.59 5.72 -8.86
C GLU A 219 13.19 6.30 -8.69
N PHE A 220 12.17 5.51 -9.00
CA PHE A 220 10.77 5.95 -8.86
C PHE A 220 10.51 6.30 -7.40
N THR A 221 10.94 5.41 -6.50
CA THR A 221 10.77 5.61 -5.06
C THR A 221 11.56 6.82 -4.57
N GLU A 222 12.78 7.00 -5.07
CA GLU A 222 13.61 8.13 -4.69
C GLU A 222 12.97 9.44 -5.12
N ARG A 223 12.27 9.43 -6.26
CA ARG A 223 11.62 10.63 -6.75
C ARG A 223 10.50 11.11 -5.81
N TRP A 224 9.73 10.19 -5.24
CA TRP A 224 8.63 10.52 -4.36
C TRP A 224 8.94 10.46 -2.86
N LEU A 225 10.10 9.95 -2.48
CA LEU A 225 10.44 9.82 -1.06
C LEU A 225 11.93 9.89 -0.69
N GLY A 226 12.78 10.32 -1.61
CA GLY A 226 14.20 10.40 -1.33
C GLY A 226 14.62 11.65 -0.58
N SER B . -0.10 -2.14 2.06
CA SER B . -1.45 -2.03 2.68
C SER B . -2.21 -3.34 2.51
O SER B . -1.88 -4.07 1.55
CB SER B . -2.24 -0.90 2.02
OG SER B . -1.56 0.33 2.19
OXT SER B . -3.10 -3.63 3.32
#